data_5OWP
#
_entry.id   5OWP
#
_cell.length_a   35.399
_cell.length_b   68.151
_cell.length_c   90.358
_cell.angle_alpha   90.00
_cell.angle_beta   90.00
_cell.angle_gamma   90.00
#
_symmetry.space_group_name_H-M   'P 21 21 21'
#
loop_
_entity.id
_entity.type
_entity.pdbx_description
1 polymer 'Ig heavy chain V-III region J606,Ig lambda-1 chain V region H2020'
2 polymer 5,6-DIHYDRO-BENZO[H]CINNOLIN-3-YLAMINE
3 non-polymer 1,2-ETHANEDIOL
4 non-polymer 2-acetamido-2-deoxy-alpha-D-galactopyranose
5 water water
#
loop_
_entity_poly.entity_id
_entity_poly.type
_entity_poly.pdbx_seq_one_letter_code
_entity_poly.pdbx_strand_id
1 'polypeptide(L)'
;QVQLQESGGGLVQPGGSMKLSCVASGFTFSNYWMNWVRQSPEKGLEWVAEIRLKSNNYATHYAESVKGRFTISRDDSKSS
VYLQMNNLRAEDTGIYYCTGVGQFAYWGQGTTVTVSSSSGGGGSGGGGGSSGSSDIVVTQESALTTSPGETVTLTCRSST
GAVTTSNYANWVQEKPDHLFTGLIGGTNNRAPGVPARFSGSLIGDKAALTITGAQTEDEAIYFCALWYSNHWVFGGGTKL
TVLG
;
H
2 'polypeptide(L)' SA(4FB)DTRPA D
#
loop_
_chem_comp.id
_chem_comp.type
_chem_comp.name
_chem_comp.formula
A2G D-saccharide, alpha linking 2-acetamido-2-deoxy-alpha-D-galactopyranose 'C8 H15 N O6'
EDO non-polymer 1,2-ETHANEDIOL 'C2 H6 O2'
#
# COMPACT_ATOMS: atom_id res chain seq x y z
N GLN A 1 -0.28 -19.08 -2.84
CA GLN A 1 -0.79 -18.31 -1.67
C GLN A 1 0.41 -17.91 -0.79
N VAL A 2 1.22 -17.00 -1.33
CA VAL A 2 2.09 -16.04 -0.60
C VAL A 2 1.48 -15.54 0.72
N GLN A 3 2.30 -15.37 1.76
CA GLN A 3 1.80 -14.99 3.09
C GLN A 3 2.74 -13.95 3.69
N LEU A 4 2.17 -12.92 4.31
CA LEU A 4 2.94 -11.94 5.08
C LEU A 4 2.24 -11.88 6.39
N GLN A 5 2.95 -12.18 7.46
CA GLN A 5 2.29 -12.20 8.76
C GLN A 5 2.94 -11.27 9.76
N GLU A 6 2.20 -10.25 10.16
CA GLU A 6 2.68 -9.27 11.10
C GLU A 6 2.41 -9.76 12.56
N SER A 7 3.20 -9.20 13.46
CA SER A 7 2.99 -9.35 14.89
C SER A 7 3.62 -8.17 15.59
N GLY A 8 3.18 -7.96 16.83
CA GLY A 8 3.76 -6.98 17.69
C GLY A 8 2.97 -5.82 18.21
N GLY A 9 1.80 -5.56 17.62
CA GLY A 9 1.00 -4.43 18.01
C GLY A 9 0.44 -4.55 19.41
N GLY A 10 -0.32 -3.55 19.80
CA GLY A 10 -0.93 -3.54 21.09
C GLY A 10 -1.51 -2.23 21.49
N LEU A 11 -1.56 -2.02 22.81
CA LEU A 11 -2.07 -0.86 23.46
C LEU A 11 -0.95 -0.25 24.30
N VAL A 12 -0.55 0.96 23.95
CA VAL A 12 0.70 1.56 24.35
C VAL A 12 0.45 3.02 24.74
N GLN A 13 1.38 3.59 25.52
CA GLN A 13 1.27 4.93 26.08
C GLN A 13 2.05 5.87 25.13
N PRO A 14 1.61 7.14 25.01
CA PRO A 14 2.45 8.14 24.35
C PRO A 14 3.84 8.27 24.97
N GLY A 15 4.87 8.31 24.14
CA GLY A 15 6.25 8.43 24.58
C GLY A 15 6.93 7.10 24.57
N GLY A 16 6.16 6.01 24.60
CA GLY A 16 6.73 4.68 24.53
C GLY A 16 7.24 4.22 23.13
N SER A 17 7.64 2.93 23.14
CA SER A 17 8.26 2.23 22.04
C SER A 17 7.64 0.87 21.83
N MET A 18 7.72 0.41 20.61
CA MET A 18 7.52 -0.98 20.27
C MET A 18 8.13 -1.37 18.91
N LYS A 19 8.28 -2.67 18.70
CA LYS A 19 8.78 -3.22 17.47
C LYS A 19 7.77 -4.19 16.85
N LEU A 20 7.39 -3.91 15.60
CA LEU A 20 6.53 -4.81 14.80
C LEU A 20 7.42 -5.72 13.97
N SER A 21 6.92 -6.90 13.68
CA SER A 21 7.61 -7.85 12.84
C SER A 21 6.70 -8.28 11.75
N CYS A 22 7.30 -8.88 10.74
CA CYS A 22 6.54 -9.40 9.63
C CYS A 22 7.36 -10.48 8.97
N VAL A 23 6.75 -11.64 8.81
CA VAL A 23 7.41 -12.78 8.23
C VAL A 23 6.78 -13.20 6.89
N ALA A 24 7.62 -13.34 5.89
CA ALA A 24 7.17 -13.57 4.51
C ALA A 24 7.44 -14.98 4.09
N SER A 25 6.58 -15.50 3.21
CA SER A 25 6.78 -16.81 2.55
C SER A 25 6.09 -16.83 1.21
N GLY A 26 6.62 -17.66 0.31
CA GLY A 26 5.98 -17.91 -1.00
C GLY A 26 6.61 -17.18 -2.16
N PHE A 27 7.57 -16.29 -1.85
CA PHE A 27 8.24 -15.56 -2.90
C PHE A 27 9.65 -15.30 -2.42
N THR A 28 10.55 -14.99 -3.35
CA THR A 28 11.96 -14.71 -2.96
C THR A 28 12.04 -13.33 -2.28
N PHE A 29 11.78 -13.34 -0.98
CA PHE A 29 11.77 -12.14 -0.13
C PHE A 29 12.93 -11.20 -0.37
N SER A 30 14.14 -11.75 -0.43
CA SER A 30 15.37 -10.98 -0.50
C SER A 30 15.54 -10.21 -1.82
N ASN A 31 14.76 -10.53 -2.87
CA ASN A 31 14.79 -9.78 -4.16
C ASN A 31 13.89 -8.56 -4.18
N TYR A 32 13.00 -8.44 -3.20
CA TYR A 32 12.09 -7.33 -3.18
C TYR A 32 12.30 -6.31 -2.07
N TRP A 33 12.04 -5.05 -2.42
CA TRP A 33 11.93 -4.01 -1.44
C TRP A 33 10.70 -4.29 -0.59
N MET A 34 10.75 -3.86 0.67
CA MET A 34 9.60 -4.05 1.56
C MET A 34 9.23 -2.74 2.18
N ASN A 35 7.93 -2.57 2.47
CA ASN A 35 7.36 -1.34 3.01
C ASN A 35 6.49 -1.63 4.25
N TRP A 36 6.36 -0.63 5.09
CA TRP A 36 5.33 -0.57 6.14
C TRP A 36 4.36 0.52 5.71
N VAL A 37 3.06 0.24 5.82
CA VAL A 37 2.01 1.18 5.52
C VAL A 37 1.00 1.08 6.68
N ARG A 38 0.48 2.21 7.12
CA ARG A 38 -0.56 2.17 8.16
C ARG A 38 -1.88 2.77 7.73
N GLN A 39 -2.94 2.28 8.33
CA GLN A 39 -4.30 2.81 8.16
C GLN A 39 -4.90 3.32 9.50
N SER A 40 -5.34 4.56 9.51
CA SER A 40 -6.21 5.10 10.56
C SER A 40 -7.52 5.67 10.01
N PRO A 41 -8.58 5.72 10.87
CA PRO A 41 -9.84 6.24 10.32
C PRO A 41 -9.69 7.67 9.74
N GLU A 42 -9.10 8.55 10.55
CA GLU A 42 -8.66 9.90 10.17
C GLU A 42 -7.23 9.80 9.66
N LYS A 43 -6.91 10.45 8.53
CA LYS A 43 -5.61 10.28 7.79
C LYS A 43 -5.50 9.06 6.81
N GLY A 44 -6.52 8.21 6.76
CA GLY A 44 -6.61 7.15 5.75
C GLY A 44 -5.38 6.25 5.73
N LEU A 45 -5.00 5.81 4.52
CA LEU A 45 -3.85 4.94 4.29
C LEU A 45 -2.58 5.76 4.04
N GLU A 46 -1.50 5.41 4.74
CA GLU A 46 -0.31 6.27 4.76
C GLU A 46 0.98 5.41 4.71
N TRP A 47 1.76 5.59 3.66
CA TRP A 47 3.04 4.94 3.54
C TRP A 47 4.02 5.46 4.59
N VAL A 48 4.75 4.55 5.21
CA VAL A 48 5.58 4.86 6.40
C VAL A 48 7.09 4.78 6.12
N ALA A 49 7.51 3.70 5.48
CA ALA A 49 8.93 3.44 5.26
C ALA A 49 9.08 2.35 4.24
N GLU A 50 10.26 2.31 3.63
CA GLU A 50 10.66 1.25 2.70
C GLU A 50 12.10 0.87 3.03
N ILE A 51 12.43 -0.38 2.74
CA ILE A 51 13.80 -0.87 2.80
C ILE A 51 14.08 -1.60 1.50
N ARG A 52 15.28 -1.42 0.95
CA ARG A 52 15.61 -1.97 -0.38
C ARG A 52 16.50 -3.21 -0.12
N LEU A 53 17.39 -3.58 -1.06
CA LEU A 53 17.98 -4.90 -1.02
C LEU A 53 19.37 -4.85 -0.38
N LYS A 54 19.87 -6.02 -0.05
CA LYS A 54 21.29 -6.16 0.31
C LYS A 54 22.18 -5.42 -0.70
N SER A 55 21.90 -5.56 -1.99
CA SER A 55 22.72 -4.91 -3.01
C SER A 55 22.61 -3.39 -3.02
N ASN A 56 21.62 -2.83 -2.34
CA ASN A 56 21.51 -1.38 -2.17
C ASN A 56 22.00 -0.97 -0.80
N ASN A 57 22.80 -1.82 -0.14
CA ASN A 57 23.18 -1.65 1.27
C ASN A 57 21.99 -1.36 2.15
N TYR A 58 20.86 -1.99 1.82
CA TYR A 58 19.66 -1.93 2.63
C TYR A 58 19.24 -0.51 2.84
N ALA A 59 19.32 0.31 1.80
CA ALA A 59 18.98 1.70 1.97
C ALA A 59 17.49 1.86 2.36
N THR A 60 17.20 2.85 3.19
CA THR A 60 15.84 3.13 3.68
C THR A 60 15.33 4.55 3.33
N HIS A 61 14.02 4.72 3.25
CA HIS A 61 13.37 6.04 3.18
C HIS A 61 12.14 6.03 4.07
N TYR A 62 11.84 7.19 4.66
CA TYR A 62 10.75 7.32 5.62
C TYR A 62 9.84 8.43 5.22
N ALA A 63 8.55 8.30 5.51
CA ALA A 63 7.67 9.44 5.55
C ALA A 63 8.18 10.53 6.55
N GLU A 64 7.90 11.79 6.26
CA GLU A 64 8.37 12.87 7.11
C GLU A 64 7.67 12.83 8.51
N SER A 65 6.46 12.26 8.57
CA SER A 65 5.71 12.12 9.84
C SER A 65 6.35 11.18 10.87
N VAL A 66 7.32 10.37 10.46
CA VAL A 66 7.97 9.40 11.36
C VAL A 66 9.47 9.44 11.32
N LYS A 67 10.06 10.31 10.48
CA LYS A 67 11.52 10.31 10.36
C LYS A 67 12.06 10.74 11.69
N GLY A 68 13.15 10.14 12.12
CA GLY A 68 13.73 10.33 13.43
C GLY A 68 13.16 9.38 14.47
N ARG A 69 11.99 8.80 14.24
CA ARG A 69 11.34 8.02 15.27
C ARG A 69 11.26 6.53 14.98
N PHE A 70 11.11 6.20 13.71
CA PHE A 70 10.87 4.84 13.26
C PHE A 70 12.12 4.32 12.58
N THR A 71 12.40 3.04 12.72
CA THR A 71 13.44 2.37 11.92
C THR A 71 12.94 1.08 11.29
N ILE A 72 13.11 0.99 9.98
CA ILE A 72 12.75 -0.22 9.25
C ILE A 72 14.02 -1.01 9.08
N SER A 73 13.92 -2.32 9.26
CA SER A 73 15.03 -3.23 9.02
C SER A 73 14.47 -4.50 8.45
N ARG A 74 15.37 -5.28 7.86
CA ARG A 74 15.05 -6.62 7.38
C ARG A 74 16.14 -7.60 7.74
N ASP A 75 15.70 -8.86 7.81
CA ASP A 75 16.56 -10.01 8.01
C ASP A 75 16.26 -11.02 6.91
N ASP A 76 17.06 -10.96 5.83
CA ASP A 76 16.85 -11.84 4.69
C ASP A 76 16.97 -13.32 5.06
N SER A 77 17.83 -13.69 6.00
CA SER A 77 17.92 -15.12 6.42
C SER A 77 16.68 -15.66 7.13
N LYS A 78 15.87 -14.79 7.73
CA LYS A 78 14.58 -15.15 8.33
C LYS A 78 13.38 -14.66 7.50
N SER A 79 13.63 -14.19 6.27
CA SER A 79 12.57 -13.55 5.45
C SER A 79 11.65 -12.66 6.28
N SER A 80 12.25 -11.77 7.07
CA SER A 80 11.46 -10.87 7.90
C SER A 80 11.81 -9.42 7.71
N VAL A 81 10.80 -8.59 7.90
CA VAL A 81 10.95 -7.14 7.99
C VAL A 81 10.39 -6.66 9.34
N TYR A 82 11.01 -5.60 9.83
CA TYR A 82 10.69 -5.05 11.11
C TYR A 82 10.52 -3.56 11.07
N LEU A 83 9.78 -3.04 12.05
CA LEU A 83 9.57 -1.60 12.26
C LEU A 83 9.67 -1.34 13.74
N GLN A 84 10.73 -0.64 14.10
CA GLN A 84 10.99 -0.20 15.45
C GLN A 84 10.41 1.19 15.49
N MET A 85 9.53 1.40 16.44
CA MET A 85 8.80 2.61 16.59
C MET A 85 9.10 3.27 17.92
N ASN A 86 9.83 4.38 17.90
CA ASN A 86 10.11 5.10 19.14
C ASN A 86 9.29 6.36 19.31
N ASN A 87 9.13 6.75 20.57
CA ASN A 87 8.51 8.00 20.90
C ASN A 87 7.14 8.15 20.25
N LEU A 88 6.32 7.17 20.53
CA LEU A 88 4.98 7.11 19.99
C LEU A 88 4.05 8.26 20.43
N ARG A 89 3.18 8.66 19.50
CA ARG A 89 2.24 9.76 19.67
C ARG A 89 0.88 9.25 19.33
N ALA A 90 -0.15 9.91 19.84
CA ALA A 90 -1.54 9.57 19.50
C ALA A 90 -1.73 9.35 17.98
N GLU A 91 -1.16 10.23 17.16
CA GLU A 91 -1.31 10.19 15.66
C GLU A 91 -0.74 8.90 15.00
N ASP A 92 0.10 8.17 15.73
CA ASP A 92 0.58 6.89 15.29
C ASP A 92 -0.35 5.73 15.41
N THR A 93 -1.48 5.93 16.05
CA THR A 93 -2.49 4.89 16.13
C THR A 93 -2.94 4.52 14.73
N GLY A 94 -3.00 3.22 14.49
CA GLY A 94 -3.51 2.65 13.27
C GLY A 94 -3.28 1.15 13.17
N ILE A 95 -3.72 0.62 12.06
CA ILE A 95 -3.39 -0.73 11.65
C ILE A 95 -2.16 -0.70 10.76
N TYR A 96 -1.14 -1.50 11.09
CA TYR A 96 0.16 -1.48 10.38
C TYR A 96 0.35 -2.73 9.55
N TYR A 97 0.70 -2.53 8.29
CA TYR A 97 0.81 -3.56 7.28
C TYR A 97 2.20 -3.53 6.70
N CYS A 98 2.81 -4.69 6.50
CA CYS A 98 4.02 -4.81 5.70
C CYS A 98 3.46 -5.18 4.33
N THR A 99 4.07 -4.58 3.33
CA THR A 99 3.62 -4.80 1.97
C THR A 99 4.75 -4.53 0.95
N GLY A 100 4.74 -5.28 -0.15
CA GLY A 100 5.68 -5.05 -1.22
C GLY A 100 5.35 -5.85 -2.44
N VAL A 101 6.27 -5.82 -3.42
CA VAL A 101 6.21 -6.65 -4.66
C VAL A 101 5.32 -5.98 -5.74
N GLY A 102 5.98 -5.36 -6.70
CA GLY A 102 5.36 -4.91 -7.93
C GLY A 102 4.13 -4.06 -7.89
N GLN A 103 4.02 -3.02 -7.06
CA GLN A 103 4.89 -2.66 -5.94
C GLN A 103 4.20 -2.96 -4.59
N PHE A 104 2.90 -3.28 -4.60
CA PHE A 104 2.10 -3.49 -3.35
C PHE A 104 1.07 -4.59 -3.52
N ALA A 105 1.70 -5.90 -4.44
CA ALA A 105 0.83 -7.00 -4.61
C ALA A 105 0.43 -7.68 -3.26
N TYR A 106 1.35 -7.74 -2.27
CA TYR A 106 1.16 -8.65 -1.10
C TYR A 106 1.14 -7.79 0.12
N TRP A 107 0.14 -8.02 0.97
CA TRP A 107 -0.10 -7.31 2.21
C TRP A 107 -0.25 -8.29 3.31
N GLY A 108 0.32 -7.97 4.46
CA GLY A 108 -0.03 -8.71 5.64
C GLY A 108 -1.44 -8.44 6.12
N GLN A 109 -1.90 -9.28 7.02
CA GLN A 109 -3.20 -9.11 7.66
C GLN A 109 -3.28 -7.88 8.56
N GLY A 110 -2.15 -7.29 8.95
CA GLY A 110 -2.13 -6.07 9.73
C GLY A 110 -1.98 -6.34 11.23
N THR A 111 -1.32 -5.43 11.93
CA THR A 111 -1.27 -5.47 13.40
C THR A 111 -1.66 -4.09 13.93
N THR A 112 -2.61 -4.09 14.86
CA THR A 112 -3.16 -2.88 15.44
C THR A 112 -2.27 -2.25 16.52
N VAL A 113 -2.03 -0.95 16.41
CA VAL A 113 -1.25 -0.20 17.38
C VAL A 113 -2.20 0.89 17.85
N THR A 114 -2.57 0.87 19.12
CA THR A 114 -3.39 1.93 19.72
C THR A 114 -2.52 2.68 20.74
N VAL A 115 -2.26 3.97 20.47
CA VAL A 115 -1.54 4.83 21.39
C VAL A 115 -2.60 5.66 22.13
N SER A 116 -2.73 5.45 23.45
CA SER A 116 -3.47 6.41 24.27
C SER A 116 -3.10 6.34 25.70
N ASP A 135 4.50 18.24 -0.14
CA ASP A 135 3.18 17.90 0.45
C ASP A 135 2.16 17.64 -0.64
N ILE A 136 2.09 16.40 -1.02
CA ILE A 136 1.40 16.01 -2.21
C ILE A 136 0.13 15.37 -1.73
N VAL A 137 -0.94 15.77 -2.40
CA VAL A 137 -2.23 15.19 -2.20
C VAL A 137 -2.60 14.46 -3.48
N VAL A 138 -3.06 13.21 -3.27
CA VAL A 138 -3.46 12.31 -4.33
C VAL A 138 -4.95 12.11 -4.10
N THR A 139 -5.75 12.38 -5.14
CA THR A 139 -7.20 12.48 -5.01
C THR A 139 -7.90 11.41 -5.84
N GLN A 140 -8.86 10.77 -5.20
CA GLN A 140 -9.66 9.75 -5.79
C GLN A 140 -11.13 10.10 -5.58
N GLU A 141 -12.00 9.55 -6.43
CA GLU A 141 -13.42 9.72 -6.21
C GLU A 141 -13.77 9.19 -4.79
N SER A 142 -14.55 9.91 -3.97
CA SER A 142 -14.93 9.33 -2.67
C SER A 142 -15.71 8.02 -2.80
N ALA A 143 -16.72 8.02 -3.67
CA ALA A 143 -17.54 6.87 -3.98
C ALA A 143 -17.94 6.79 -5.46
N LEU A 144 -18.18 5.57 -5.94
CA LEU A 144 -18.81 5.33 -7.24
C LEU A 144 -19.74 4.17 -7.04
N THR A 145 -20.84 4.17 -7.77
CA THR A 145 -21.83 3.07 -7.72
C THR A 145 -21.94 2.45 -9.13
N THR A 146 -21.93 1.13 -9.18
CA THR A 146 -22.04 0.37 -10.42
C THR A 146 -22.95 -0.83 -10.18
N SER A 147 -23.09 -1.68 -11.20
CA SER A 147 -23.90 -2.90 -11.15
C SER A 147 -23.15 -4.01 -11.78
N PRO A 148 -23.47 -5.28 -11.42
CA PRO A 148 -22.80 -6.38 -12.08
C PRO A 148 -22.86 -6.27 -13.63
N GLY A 149 -21.72 -6.48 -14.28
CA GLY A 149 -21.65 -6.50 -15.73
C GLY A 149 -21.35 -5.17 -16.37
N GLU A 150 -21.34 -4.12 -15.59
CA GLU A 150 -20.99 -2.79 -16.04
C GLU A 150 -19.49 -2.59 -16.09
N THR A 151 -19.07 -1.51 -16.75
CA THR A 151 -17.64 -1.15 -16.85
C THR A 151 -17.52 0.07 -15.97
N VAL A 152 -16.62 0.06 -15.00
CA VAL A 152 -16.45 1.21 -14.16
C VAL A 152 -14.97 1.59 -14.06
N THR A 153 -14.68 2.88 -14.13
CA THR A 153 -13.30 3.38 -14.07
C THR A 153 -13.17 4.31 -12.89
N LEU A 154 -12.15 4.04 -12.08
CA LEU A 154 -11.77 4.84 -10.92
C LEU A 154 -10.56 5.66 -11.31
N THR A 155 -10.40 6.85 -10.73
CA THR A 155 -9.25 7.69 -11.10
C THR A 155 -8.46 8.25 -9.93
N CYS A 156 -7.24 8.69 -10.23
CA CYS A 156 -6.27 9.03 -9.27
C CYS A 156 -5.45 10.17 -9.83
N ARG A 157 -5.64 11.35 -9.23
CA ARG A 157 -5.06 12.62 -9.66
C ARG A 157 -3.97 13.03 -8.66
N SER A 158 -2.92 13.65 -9.16
CA SER A 158 -1.87 14.23 -8.31
C SER A 158 -2.01 15.75 -8.24
N SER A 159 -1.79 16.33 -7.05
CA SER A 159 -1.75 17.79 -6.91
C SER A 159 -0.55 18.44 -7.62
N THR A 160 0.51 17.67 -7.86
CA THR A 160 1.69 18.22 -8.55
C THR A 160 1.47 18.53 -10.04
N GLY A 161 0.45 17.94 -10.68
CA GLY A 161 0.30 18.01 -12.12
C GLY A 161 -0.03 16.64 -12.71
N ALA A 162 0.32 16.42 -13.96
CA ALA A 162 -0.05 15.17 -14.62
C ALA A 162 0.62 13.90 -13.99
N VAL A 163 -0.13 12.80 -13.92
CA VAL A 163 0.42 11.49 -13.62
C VAL A 163 1.03 10.86 -14.90
N THR A 164 2.25 10.37 -14.78
CA THR A 164 2.94 9.74 -15.89
C THR A 164 3.41 8.35 -15.41
N THR A 165 4.03 7.60 -16.31
CA THR A 165 4.51 6.27 -15.95
C THR A 165 5.65 6.33 -14.90
N SER A 166 6.24 7.51 -14.72
CA SER A 166 7.26 7.77 -13.72
C SER A 166 6.74 7.82 -12.30
N ASN A 167 5.43 7.83 -12.18
CA ASN A 167 4.75 7.67 -10.91
C ASN A 167 4.39 6.24 -10.56
N TYR A 168 4.62 5.26 -11.45
CA TYR A 168 4.48 3.86 -11.10
C TYR A 168 3.18 3.63 -10.35
N ALA A 169 2.08 4.17 -10.88
CA ALA A 169 0.78 4.05 -10.20
C ALA A 169 0.50 2.63 -9.76
N ASN A 170 0.10 2.45 -8.48
CA ASN A 170 -0.41 1.15 -7.99
C ASN A 170 -1.87 1.31 -7.62
N TRP A 171 -2.62 0.21 -7.72
CA TRP A 171 -3.99 0.13 -7.21
C TRP A 171 -4.07 -1.07 -6.27
N VAL A 172 -4.72 -0.89 -5.12
CA VAL A 172 -4.87 -1.89 -4.06
C VAL A 172 -6.35 -1.95 -3.63
N GLN A 173 -6.86 -3.13 -3.34
CA GLN A 173 -8.24 -3.33 -2.92
C GLN A 173 -8.27 -3.65 -1.44
N GLU A 174 -9.16 -2.97 -0.73
CA GLU A 174 -9.47 -3.31 0.70
C GLU A 174 -10.86 -3.92 0.81
N LYS A 175 -10.90 -5.17 1.23
CA LYS A 175 -12.18 -5.86 1.54
C LYS A 175 -12.33 -6.07 3.07
N PRO A 176 -13.53 -6.45 3.53
CA PRO A 176 -13.64 -6.68 5.00
C PRO A 176 -12.82 -7.90 5.41
N ASP A 177 -12.11 -7.90 6.52
CA ASP A 177 -12.00 -6.87 7.52
C ASP A 177 -10.56 -6.34 7.38
N HIS A 178 -10.39 -5.18 6.72
CA HIS A 178 -9.03 -4.63 6.54
C HIS A 178 -8.09 -5.59 5.81
N LEU A 179 -8.64 -6.25 4.81
CA LEU A 179 -7.93 -7.25 4.00
C LEU A 179 -7.50 -6.58 2.70
N PHE A 180 -6.20 -6.37 2.52
CA PHE A 180 -5.71 -5.62 1.40
C PHE A 180 -5.10 -6.60 0.43
N THR A 181 -5.27 -6.34 -0.88
CA THR A 181 -4.60 -7.11 -1.92
C THR A 181 -4.24 -6.15 -3.07
N GLY A 182 -3.06 -6.30 -3.63
CA GLY A 182 -2.61 -5.39 -4.68
C GLY A 182 -3.23 -5.86 -6.00
N LEU A 183 -3.65 -4.94 -6.83
CA LEU A 183 -4.23 -5.29 -8.11
C LEU A 183 -3.31 -4.96 -9.26
N ILE A 184 -2.74 -3.77 -9.23
CA ILE A 184 -2.00 -3.22 -10.39
C ILE A 184 -0.74 -2.56 -9.86
N GLY A 185 0.39 -2.74 -10.55
CA GLY A 185 1.61 -1.98 -10.27
C GLY A 185 2.18 -1.42 -11.57
N GLY A 186 3.12 -0.48 -11.45
CA GLY A 186 3.81 0.09 -12.60
C GLY A 186 2.85 0.56 -13.68
N THR A 187 1.82 1.27 -13.24
CA THR A 187 0.76 1.83 -14.09
C THR A 187 -0.26 0.81 -14.55
N ASN A 188 0.19 -0.24 -15.23
CA ASN A 188 -0.75 -1.16 -15.86
C ASN A 188 -0.38 -2.63 -15.80
N ASN A 189 0.49 -3.02 -14.87
CA ASN A 189 0.84 -4.41 -14.74
C ASN A 189 -0.02 -5.05 -13.68
N ARG A 190 -0.82 -6.00 -14.10
CA ARG A 190 -1.68 -6.74 -13.19
C ARG A 190 -0.81 -7.62 -12.26
N ALA A 191 -1.03 -7.54 -10.97
CA ALA A 191 -0.31 -8.42 -10.02
C ALA A 191 -0.67 -9.89 -10.26
N PRO A 192 0.21 -10.80 -9.84
CA PRO A 192 -0.05 -12.20 -10.21
C PRO A 192 -1.34 -12.75 -9.55
N GLY A 193 -2.08 -13.54 -10.31
CA GLY A 193 -3.35 -14.05 -9.85
C GLY A 193 -4.52 -13.07 -9.82
N VAL A 194 -4.35 -11.82 -10.25
CA VAL A 194 -5.43 -10.85 -10.22
C VAL A 194 -6.38 -11.10 -11.41
N PRO A 195 -7.70 -11.11 -11.18
CA PRO A 195 -8.59 -11.45 -12.31
C PRO A 195 -8.41 -10.47 -13.48
N ALA A 196 -8.63 -10.95 -14.71
CA ALA A 196 -8.44 -10.17 -15.92
C ALA A 196 -9.38 -8.95 -16.09
N ARG A 197 -10.50 -8.94 -15.38
CA ARG A 197 -11.42 -7.80 -15.43
C ARG A 197 -10.81 -6.51 -14.92
N PHE A 198 -9.72 -6.59 -14.15
CA PHE A 198 -9.06 -5.38 -13.66
C PHE A 198 -7.95 -4.95 -14.61
N SER A 199 -7.91 -3.68 -14.98
CA SER A 199 -6.75 -3.14 -15.73
C SER A 199 -6.39 -1.72 -15.30
N GLY A 200 -5.12 -1.38 -15.44
CA GLY A 200 -4.67 -0.03 -15.20
C GLY A 200 -4.34 0.75 -16.47
N SER A 201 -4.54 2.05 -16.44
CA SER A 201 -4.22 2.92 -17.57
C SER A 201 -3.86 4.30 -17.06
N LEU A 202 -3.40 5.19 -17.95
CA LEU A 202 -3.33 6.60 -17.70
C LEU A 202 -4.31 7.22 -18.65
N ILE A 203 -5.19 8.12 -18.15
CA ILE A 203 -6.23 8.73 -18.97
C ILE A 203 -6.34 10.15 -18.50
N GLY A 204 -6.30 11.13 -19.43
CA GLY A 204 -6.46 12.54 -19.08
C GLY A 204 -5.54 12.95 -17.93
N ASP A 205 -4.28 12.54 -17.99
CA ASP A 205 -3.30 12.91 -16.96
C ASP A 205 -3.60 12.46 -15.51
N LYS A 206 -4.42 11.40 -15.41
CA LYS A 206 -4.66 10.70 -14.17
C LYS A 206 -4.34 9.23 -14.38
N ALA A 207 -3.97 8.54 -13.31
CA ALA A 207 -3.99 7.11 -13.28
C ALA A 207 -5.46 6.68 -13.11
N ALA A 208 -5.79 5.53 -13.70
CA ALA A 208 -7.11 4.96 -13.68
C ALA A 208 -7.08 3.46 -13.56
N LEU A 209 -8.08 2.92 -12.83
CA LEU A 209 -8.29 1.49 -12.74
C LEU A 209 -9.65 1.18 -13.34
N THR A 210 -9.71 0.23 -14.25
CA THR A 210 -11.00 -0.14 -14.88
C THR A 210 -11.39 -1.56 -14.50
N ILE A 211 -12.67 -1.76 -14.14
CA ILE A 211 -13.23 -3.07 -13.94
C ILE A 211 -14.17 -3.29 -15.12
N THR A 212 -13.79 -4.19 -16.02
CA THR A 212 -14.56 -4.40 -17.25
C THR A 212 -15.47 -5.58 -16.99
N GLY A 213 -16.68 -5.31 -16.54
CA GLY A 213 -17.58 -6.35 -16.09
C GLY A 213 -17.44 -6.47 -14.59
N ALA A 214 -18.03 -5.52 -13.87
CA ALA A 214 -18.00 -5.52 -12.38
C ALA A 214 -18.78 -6.69 -11.82
N GLN A 215 -18.26 -7.30 -10.74
CA GLN A 215 -18.90 -8.48 -10.08
C GLN A 215 -19.31 -8.05 -8.67
N THR A 216 -20.30 -8.68 -8.04
CA THR A 216 -20.75 -8.21 -6.72
C THR A 216 -19.60 -8.20 -5.70
N GLU A 217 -18.72 -9.17 -5.77
CA GLU A 217 -17.61 -9.25 -4.85
C GLU A 217 -16.57 -8.13 -5.01
N ASP A 218 -16.69 -7.29 -6.08
CA ASP A 218 -15.79 -6.16 -6.26
C ASP A 218 -16.17 -4.96 -5.42
N GLU A 219 -17.32 -5.03 -4.74
CA GLU A 219 -17.67 -3.98 -3.80
C GLU A 219 -16.61 -3.95 -2.71
N ALA A 220 -15.97 -2.79 -2.56
CA ALA A 220 -14.73 -2.71 -1.84
C ALA A 220 -14.24 -1.29 -1.86
N ILE A 221 -13.13 -1.06 -1.17
CA ILE A 221 -12.53 0.26 -1.18
C ILE A 221 -11.27 0.11 -2.03
N TYR A 222 -11.05 1.05 -2.94
CA TYR A 222 -9.87 1.01 -3.80
C TYR A 222 -8.99 2.21 -3.59
N PHE A 223 -7.70 1.98 -3.32
CA PHE A 223 -6.72 3.04 -3.17
C PHE A 223 -5.68 2.99 -4.29
N CYS A 224 -5.22 4.15 -4.74
CA CYS A 224 -4.08 4.24 -5.61
C CYS A 224 -2.88 4.74 -4.79
N ALA A 225 -1.72 4.42 -5.27
CA ALA A 225 -0.47 4.95 -4.73
C ALA A 225 0.34 5.45 -5.91
N LEU A 226 0.96 6.61 -5.74
CA LEU A 226 1.85 7.22 -6.76
C LEU A 226 3.20 7.43 -6.14
N TRP A 227 4.23 7.29 -6.97
CA TRP A 227 5.62 7.35 -6.51
C TRP A 227 6.18 8.69 -6.90
N TYR A 228 6.80 9.39 -5.94
CA TYR A 228 7.52 10.64 -6.21
C TYR A 228 8.98 10.50 -5.77
N SER A 229 9.81 10.00 -6.68
CA SER A 229 11.29 9.97 -6.59
C SER A 229 11.86 8.99 -5.57
N ASN A 230 11.39 9.08 -4.30
CA ASN A 230 11.76 8.12 -3.23
C ASN A 230 10.67 7.86 -2.15
N HIS A 231 9.43 8.25 -2.42
CA HIS A 231 8.32 7.99 -1.51
C HIS A 231 6.99 7.78 -2.26
N TRP A 232 6.07 7.11 -1.56
CA TRP A 232 4.72 6.83 -2.06
C TRP A 232 3.74 7.76 -1.35
N VAL A 233 2.76 8.28 -2.08
CA VAL A 233 1.61 8.94 -1.49
C VAL A 233 0.36 8.12 -1.89
N PHE A 234 -0.40 7.64 -0.90
CA PHE A 234 -1.69 7.06 -1.20
C PHE A 234 -2.81 8.10 -1.36
N GLY A 235 -3.75 7.80 -2.26
CA GLY A 235 -4.97 8.53 -2.36
C GLY A 235 -5.87 8.22 -1.19
N GLY A 236 -6.98 8.93 -1.08
CA GLY A 236 -7.91 8.68 0.05
C GLY A 236 -8.83 7.49 -0.10
N GLY A 237 -8.84 6.84 -1.27
CA GLY A 237 -9.65 5.68 -1.51
C GLY A 237 -11.01 6.03 -2.12
N THR A 238 -11.55 5.07 -2.86
CA THR A 238 -12.84 5.15 -3.47
C THR A 238 -13.65 3.98 -2.95
N LYS A 239 -14.84 4.26 -2.39
CA LYS A 239 -15.81 3.27 -2.02
C LYS A 239 -16.61 2.86 -3.25
N LEU A 240 -16.40 1.65 -3.74
CA LEU A 240 -17.14 1.17 -4.87
C LEU A 240 -18.23 0.31 -4.34
N THR A 241 -19.47 0.69 -4.71
CA THR A 241 -20.66 -0.10 -4.46
C THR A 241 -21.10 -0.80 -5.73
N VAL A 242 -21.36 -2.11 -5.62
CA VAL A 242 -21.90 -2.92 -6.67
C VAL A 242 -23.33 -3.39 -6.28
N LEU A 243 -24.30 -2.74 -6.89
CA LEU A 243 -25.72 -2.85 -6.65
C LEU A 243 -26.45 -3.71 -7.70
N GLY A 244 -27.14 -4.75 -7.27
CA GLY A 244 -28.21 -5.39 -8.12
C GLY A 244 -27.93 -6.79 -8.62
N SER B 1 14.85 8.00 -10.81
CA SER B 1 14.87 7.20 -9.57
C SER B 1 13.48 6.51 -9.43
N ALA B 2 13.44 5.23 -9.82
CA ALA B 2 12.21 4.42 -9.79
C ALA B 2 12.11 3.61 -8.48
O 4FB B 3 11.63 0.67 -8.43
C 4FB B 3 10.94 0.84 -7.42
CA 4FB B 3 10.58 2.17 -7.07
CBX 4FB B 3 9.11 2.31 -6.79
CGX 4FB B 3 8.55 2.53 -8.18
FGX 4FB B 3 8.35 1.39 -8.75
CDX 4FB B 3 9.64 3.22 -8.94
N 4FB B 3 10.90 3.06 -8.20
N ASP B 4 10.44 -0.19 -6.66
CA ASP B 4 10.77 -1.60 -6.96
C ASP B 4 10.02 -2.07 -8.24
N THR B 5 10.68 -1.79 -9.40
CA THR B 5 10.15 -2.16 -10.73
C THR B 5 10.43 -3.62 -11.12
N ARG B 6 11.04 -4.42 -10.19
CA ARG B 6 11.30 -5.84 -10.43
C ARG B 6 9.93 -6.56 -10.60
N PRO B 7 9.78 -7.46 -11.60
CA PRO B 7 8.47 -8.23 -11.81
C PRO B 7 8.04 -8.96 -10.67
N ALA B 8 6.70 -9.10 -10.51
CA ALA B 8 6.08 -9.79 -9.37
C ALA B 8 6.05 -11.32 -9.49
C1 EDO C . 19.74 -9.82 -1.96
O1 EDO C . 20.71 -10.84 -1.63
C2 EDO C . 19.93 -9.27 -3.38
O2 EDO C . 20.64 -8.01 -3.34
C1 EDO D . 0.78 9.26 2.15
O1 EDO D . 1.05 7.90 1.77
C2 EDO D . -0.69 9.68 2.00
O2 EDO D . -1.45 8.54 1.65
C1 EDO E . -24.36 1.85 -13.06
O1 EDO E . -23.21 2.11 -13.86
C2 EDO E . -24.98 0.54 -13.46
O2 EDO E . -26.30 0.39 -12.94
O5 A2G F . 12.69 -1.35 -13.97
C1 A2G F . 12.98 -1.90 -12.67
C2 A2G F . 14.46 -1.73 -12.28
N2 A2G F . 14.60 -1.97 -10.84
C3 A2G F . 15.02 -0.35 -12.64
O3 A2G F . 16.45 -0.41 -12.59
C4 A2G F . 14.53 0.18 -14.00
O4 A2G F . 15.16 -0.51 -15.07
C5 A2G F . 13.02 0.03 -14.09
C6 A2G F . 12.43 0.58 -15.38
O6 A2G F . 11.05 0.87 -15.13
C7 A2G F . 14.45 -3.15 -10.24
O7 A2G F . 14.20 -4.18 -10.85
C8 A2G F . 14.59 -3.14 -8.74
#